data_6ZOS
#
_entry.id   6ZOS
#
_cell.length_a   106.190
_cell.length_b   51.980
_cell.length_c   85.300
_cell.angle_alpha   90.000
_cell.angle_beta   92.920
_cell.angle_gamma   90.000
#
_symmetry.space_group_name_H-M   'C 1 2 1'
#
loop_
_entity.id
_entity.type
_entity.pdbx_description
1 polymer 'Estrogen receptor'
2 non-polymer 6-[(6~{S},8~{R})-7-[(1-fluoranylcyclopropyl)methyl]-8-methyl-2,6,8,9-tetrahydropyrazolo[4,3-f]isoquinolin-6-yl]-~{N}-[1-(3-fluoranylpropyl)azetidin-3-yl]pyridin-3-amine
3 water water
#
_entity_poly.entity_id   1
_entity_poly.type   'polypeptide(L)'
_entity_poly.pdbx_seq_one_letter_code
;GSHMALSLTADQMVSALLDAEPPILYSEYDPTRPFSEASMMGLLTNLADRELVHMINWAKRVPGFVDLTLHDQVHLLESA
WLEILMIGLVWRSMEHPGKLLFAPNLLLDRNQGKSVEGMVEIFDMLLATSSRFRMMNLQGEEFVCLKSIILLNSGVYTFL
SSTLKSLEEKDHIHRVLDKITDTLIHLMAKAGLTLQQQHQRLAQLLLILSHIRHMSNKGMEHLYSMKSKNVVPSYDLLLE
MLDAHRLHAPTS
;
_entity_poly.pdbx_strand_id   A,B
#
loop_
_chem_comp.id
_chem_comp.type
_chem_comp.name
_chem_comp.formula
QNK non-polymer 6-[(6~{S},8~{R})-7-[(1-fluoranylcyclopropyl)methyl]-8-methyl-2,6,8,9-tetrahydropyrazolo[4,3-f]isoquinolin-6-yl]-~{N}-[1-(3-fluoranylpropyl)azetidin-3-yl]pyridin-3-amine 'C26 H32 F2 N6'
#
# COMPACT_ATOMS: atom_id res chain seq x y z
N GLY A 1 -17.41 11.97 29.87
CA GLY A 1 -18.16 11.34 28.79
C GLY A 1 -17.27 10.65 27.80
N SER A 2 -17.89 10.10 26.77
CA SER A 2 -17.20 9.36 25.72
C SER A 2 -17.73 9.79 24.36
N HIS A 3 -16.82 10.19 23.48
CA HIS A 3 -17.12 10.59 22.11
C HIS A 3 -17.09 9.35 21.22
N MET A 4 -18.20 9.05 20.51
CA MET A 4 -18.20 7.94 19.55
C MET A 4 -17.49 8.45 18.31
N ALA A 5 -16.63 7.60 17.72
CA ALA A 5 -15.81 7.88 16.54
C ALA A 5 -16.55 8.61 15.41
N LEU A 6 -17.83 8.23 15.17
CA LEU A 6 -18.52 8.79 14.03
C LEU A 6 -19.17 10.13 14.31
N SER A 7 -19.23 10.54 15.60
CA SER A 7 -19.84 11.80 16.00
C SER A 7 -18.86 12.98 16.00
N LEU A 8 -17.55 12.67 15.91
CA LEU A 8 -16.45 13.64 15.93
C LEU A 8 -16.42 14.56 14.74
N THR A 9 -16.19 15.85 15.02
CA THR A 9 -15.98 16.89 14.01
C THR A 9 -14.53 16.72 13.56
N ALA A 10 -14.17 17.44 12.50
CA ALA A 10 -12.82 17.44 11.95
C ALA A 10 -11.79 17.94 12.96
N ASP A 11 -12.13 19.00 13.72
CA ASP A 11 -11.27 19.60 14.74
C ASP A 11 -11.12 18.71 15.99
N GLN A 12 -12.18 17.99 16.40
CA GLN A 12 -12.13 17.03 17.52
C GLN A 12 -11.27 15.82 17.13
N MET A 13 -11.39 15.34 15.85
CA MET A 13 -10.63 14.20 15.33
C MET A 13 -9.14 14.55 15.34
N VAL A 14 -8.77 15.73 14.80
CA VAL A 14 -7.37 16.20 14.80
C VAL A 14 -6.84 16.25 16.27
N SER A 15 -7.64 16.84 17.21
CA SER A 15 -7.28 17.00 18.63
C SER A 15 -7.03 15.65 19.31
N ALA A 16 -7.96 14.70 19.17
CA ALA A 16 -7.90 13.34 19.72
C ALA A 16 -6.65 12.62 19.20
N LEU A 17 -6.35 12.80 17.91
CA LEU A 17 -5.19 12.18 17.25
C LEU A 17 -3.88 12.79 17.73
N LEU A 18 -3.83 14.12 17.82
CA LEU A 18 -2.64 14.82 18.32
C LEU A 18 -2.36 14.44 19.78
N ASP A 19 -3.42 14.26 20.61
CA ASP A 19 -3.34 13.86 22.02
C ASP A 19 -2.81 12.45 22.22
N ALA A 20 -3.27 11.51 21.38
CA ALA A 20 -2.89 10.10 21.41
C ALA A 20 -1.44 9.84 20.99
N GLU A 21 -0.75 10.86 20.41
CA GLU A 21 0.62 10.76 19.90
C GLU A 21 1.63 10.18 20.88
N PRO A 22 2.35 9.10 20.48
CA PRO A 22 3.36 8.52 21.38
C PRO A 22 4.59 9.44 21.51
N PRO A 23 5.37 9.33 22.60
CA PRO A 23 6.56 10.18 22.70
C PRO A 23 7.71 9.71 21.79
N ILE A 24 8.64 10.62 21.49
CA ILE A 24 9.84 10.31 20.71
C ILE A 24 10.85 9.67 21.70
N LEU A 25 11.20 8.39 21.47
CA LEU A 25 12.11 7.67 22.37
C LEU A 25 13.56 7.82 21.96
N TYR A 26 14.47 7.54 22.90
CA TYR A 26 15.91 7.56 22.65
C TYR A 26 16.41 6.14 22.46
N SER A 27 17.51 6.00 21.72
CA SER A 27 18.18 4.72 21.53
C SER A 27 18.95 4.47 22.83
N GLU A 28 18.84 3.25 23.37
CA GLU A 28 19.50 2.87 24.64
C GLU A 28 20.96 2.51 24.41
N TYR A 29 21.86 3.49 24.52
CA TYR A 29 23.30 3.27 24.34
C TYR A 29 24.10 4.22 25.23
N ASP A 30 25.27 3.76 25.70
CA ASP A 30 26.12 4.58 26.56
C ASP A 30 26.86 5.59 25.67
N PRO A 31 26.64 6.93 25.88
CA PRO A 31 27.33 7.92 25.02
C PRO A 31 28.79 8.12 25.39
N THR A 32 29.29 7.36 26.39
CA THR A 32 30.68 7.39 26.86
C THR A 32 31.50 6.24 26.22
N ARG A 33 30.83 5.11 25.89
CA ARG A 33 31.46 3.94 25.28
C ARG A 33 31.57 4.14 23.76
N PRO A 34 32.70 3.76 23.10
CA PRO A 34 32.84 3.98 21.64
C PRO A 34 31.68 3.48 20.77
N PHE A 35 31.39 4.20 19.67
CA PHE A 35 30.29 3.89 18.75
C PHE A 35 30.47 2.57 17.96
N SER A 36 31.73 2.06 17.89
CA SER A 36 32.11 0.81 17.23
C SER A 36 31.52 -0.42 17.96
N GLU A 37 31.46 -0.36 19.31
CA GLU A 37 30.94 -1.39 20.22
C GLU A 37 29.46 -1.71 19.98
N ALA A 38 28.68 -0.74 19.43
CA ALA A 38 27.25 -0.86 19.12
C ALA A 38 26.96 -1.96 18.12
N SER A 39 25.81 -2.63 18.27
CA SER A 39 25.38 -3.75 17.42
C SER A 39 24.63 -3.36 16.14
N MET A 40 24.10 -2.11 16.05
CA MET A 40 23.31 -1.57 14.92
C MET A 40 21.92 -2.25 14.87
N MET A 41 21.87 -3.58 14.64
CA MET A 41 20.62 -4.34 14.63
C MET A 41 20.05 -4.47 16.05
N GLY A 42 20.95 -4.62 17.02
CA GLY A 42 20.65 -4.67 18.45
C GLY A 42 19.94 -3.41 18.94
N LEU A 43 20.44 -2.23 18.48
CA LEU A 43 19.87 -0.92 18.80
C LEU A 43 18.49 -0.72 18.17
N LEU A 44 18.30 -1.10 16.88
CA LEU A 44 16.99 -0.95 16.23
C LEU A 44 15.92 -1.86 16.88
N THR A 45 16.32 -3.08 17.27
CA THR A 45 15.45 -4.08 17.92
C THR A 45 15.01 -3.57 19.28
N ASN A 46 15.96 -3.09 20.10
CA ASN A 46 15.65 -2.54 21.42
C ASN A 46 14.68 -1.36 21.29
N LEU A 47 14.94 -0.46 20.31
CA LEU A 47 14.09 0.71 20.04
C LEU A 47 12.68 0.31 19.57
N ALA A 48 12.57 -0.62 18.57
CA ALA A 48 11.29 -1.06 18.08
C ALA A 48 10.46 -1.69 19.21
N ASP A 49 11.09 -2.51 20.09
CA ASP A 49 10.43 -3.17 21.23
C ASP A 49 9.82 -2.19 22.18
N ARG A 50 10.54 -1.09 22.49
CA ARG A 50 10.08 -0.05 23.39
C ARG A 50 8.99 0.78 22.71
N GLU A 51 9.16 1.10 21.42
CA GLU A 51 8.16 1.84 20.66
C GLU A 51 6.81 1.11 20.52
N LEU A 52 6.88 -0.24 20.43
CA LEU A 52 5.73 -1.12 20.27
C LEU A 52 4.80 -1.04 21.49
N VAL A 53 5.37 -0.89 22.71
CA VAL A 53 4.63 -0.76 23.98
C VAL A 53 3.75 0.52 23.92
N HIS A 54 4.34 1.63 23.44
CA HIS A 54 3.66 2.92 23.28
C HIS A 54 2.65 2.86 22.16
N MET A 55 2.91 2.06 21.11
CA MET A 55 2.00 1.91 19.99
C MET A 55 0.68 1.29 20.50
N ILE A 56 0.75 0.38 21.51
CA ILE A 56 -0.41 -0.26 22.13
C ILE A 56 -1.37 0.78 22.69
N ASN A 57 -0.83 1.74 23.47
CA ASN A 57 -1.62 2.81 24.10
C ASN A 57 -2.13 3.81 23.09
N TRP A 58 -1.30 4.14 22.08
CA TRP A 58 -1.76 5.03 21.00
C TRP A 58 -2.95 4.37 20.23
N ALA A 59 -2.87 3.07 19.85
CA ALA A 59 -3.93 2.38 19.08
C ALA A 59 -5.26 2.41 19.81
N LYS A 60 -5.23 2.15 21.12
CA LYS A 60 -6.41 2.16 22.01
C LYS A 60 -7.04 3.57 22.11
N ARG A 61 -6.30 4.62 21.68
CA ARG A 61 -6.74 6.02 21.69
C ARG A 61 -7.15 6.54 20.30
N VAL A 62 -7.03 5.70 19.26
CA VAL A 62 -7.43 6.03 17.90
C VAL A 62 -8.96 5.83 17.85
N PRO A 63 -9.73 6.87 17.46
CA PRO A 63 -11.19 6.72 17.42
C PRO A 63 -11.68 5.51 16.62
N GLY A 64 -12.58 4.75 17.23
CA GLY A 64 -13.18 3.56 16.63
C GLY A 64 -12.45 2.26 16.85
N PHE A 65 -11.20 2.31 17.35
CA PHE A 65 -10.40 1.12 17.57
C PHE A 65 -10.91 0.20 18.68
N VAL A 66 -11.28 0.76 19.84
CA VAL A 66 -11.78 -0.05 20.98
C VAL A 66 -13.22 -0.55 20.74
N ASP A 67 -13.88 -0.02 19.68
CA ASP A 67 -15.22 -0.44 19.27
C ASP A 67 -15.14 -1.84 18.65
N LEU A 68 -13.93 -2.24 18.24
CA LEU A 68 -13.64 -3.55 17.66
C LEU A 68 -13.41 -4.61 18.71
N THR A 69 -13.58 -5.88 18.34
CA THR A 69 -13.34 -7.01 19.24
C THR A 69 -11.81 -7.09 19.46
N LEU A 70 -11.39 -7.69 20.59
CA LEU A 70 -9.98 -7.86 20.93
C LEU A 70 -9.27 -8.59 19.78
N HIS A 71 -9.92 -9.64 19.22
CA HIS A 71 -9.45 -10.44 18.08
C HIS A 71 -9.10 -9.55 16.87
N ASP A 72 -10.04 -8.67 16.46
CA ASP A 72 -9.87 -7.75 15.33
C ASP A 72 -8.80 -6.69 15.59
N GLN A 73 -8.69 -6.22 16.85
CA GLN A 73 -7.66 -5.25 17.23
C GLN A 73 -6.27 -5.85 16.99
N VAL A 74 -6.06 -7.12 17.46
CA VAL A 74 -4.82 -7.90 17.30
C VAL A 74 -4.46 -8.03 15.81
N HIS A 75 -5.43 -8.43 14.96
N HIS A 75 -5.42 -8.44 14.96
CA HIS A 75 -5.25 -8.60 13.51
CA HIS A 75 -5.19 -8.61 13.52
C HIS A 75 -4.75 -7.31 12.86
C HIS A 75 -4.75 -7.31 12.84
N LEU A 76 -5.33 -6.16 13.25
CA LEU A 76 -4.95 -4.83 12.73
C LEU A 76 -3.54 -4.43 13.18
N LEU A 77 -3.18 -4.72 14.44
CA LEU A 77 -1.83 -4.39 14.89
C LEU A 77 -0.79 -5.30 14.28
N GLU A 78 -1.11 -6.58 14.16
CA GLU A 78 -0.25 -7.58 13.54
C GLU A 78 0.14 -7.20 12.11
N SER A 79 -0.85 -6.73 11.29
CA SER A 79 -0.64 -6.35 9.90
C SER A 79 0.05 -4.99 9.80
N ALA A 80 -0.29 -4.03 10.70
CA ALA A 80 0.17 -2.64 10.62
C ALA A 80 1.39 -2.21 11.41
N TRP A 81 1.79 -2.92 12.51
CA TRP A 81 2.86 -2.46 13.41
C TRP A 81 4.11 -1.96 12.67
N LEU A 82 4.63 -2.70 11.63
CA LEU A 82 5.86 -2.23 10.96
C LEU A 82 5.62 -0.96 10.13
N GLU A 83 4.47 -0.90 9.41
CA GLU A 83 4.07 0.29 8.65
C GLU A 83 3.98 1.52 9.56
N ILE A 84 3.42 1.36 10.80
CA ILE A 84 3.28 2.45 11.79
C ILE A 84 4.64 2.88 12.29
N LEU A 85 5.57 1.94 12.53
CA LEU A 85 6.93 2.36 12.94
C LEU A 85 7.58 3.16 11.80
N MET A 86 7.45 2.65 10.56
CA MET A 86 8.02 3.22 9.32
C MET A 86 7.48 4.61 8.99
N ILE A 87 6.16 4.83 9.11
CA ILE A 87 5.61 6.18 8.86
C ILE A 87 6.11 7.21 9.90
N GLY A 88 6.27 6.77 11.16
CA GLY A 88 6.79 7.58 12.25
C GLY A 88 8.22 7.97 11.96
N LEU A 89 9.03 7.01 11.46
CA LEU A 89 10.43 7.23 11.13
C LEU A 89 10.61 8.21 10.01
N VAL A 90 9.89 8.02 8.91
CA VAL A 90 9.95 8.84 7.70
C VAL A 90 9.51 10.29 7.99
N TRP A 91 8.53 10.47 8.91
CA TRP A 91 8.07 11.77 9.40
C TRP A 91 9.21 12.48 10.18
N ARG A 92 9.85 11.78 11.15
CA ARG A 92 10.95 12.32 11.96
C ARG A 92 12.17 12.66 11.08
N SER A 93 12.38 11.89 10.01
CA SER A 93 13.56 12.04 9.16
C SER A 93 13.43 13.11 8.09
N MET A 94 12.24 13.72 7.98
CA MET A 94 11.90 14.74 6.98
C MET A 94 12.92 15.86 6.84
N GLU A 95 13.30 16.50 7.97
CA GLU A 95 14.26 17.60 8.00
C GLU A 95 15.73 17.15 7.92
N HIS A 96 15.98 15.84 7.71
CA HIS A 96 17.35 15.34 7.63
C HIS A 96 17.63 14.62 6.28
N PRO A 97 17.74 15.38 5.15
CA PRO A 97 18.03 14.75 3.86
C PRO A 97 19.22 13.79 3.91
N GLY A 98 19.01 12.59 3.39
CA GLY A 98 20.02 11.54 3.34
C GLY A 98 20.25 10.81 4.65
N LYS A 99 19.46 11.13 5.69
CA LYS A 99 19.57 10.49 7.00
C LYS A 99 18.23 10.03 7.56
N LEU A 100 18.28 8.99 8.41
CA LEU A 100 17.08 8.44 9.07
C LEU A 100 17.20 8.70 10.56
N LEU A 101 16.26 9.48 11.09
CA LEU A 101 16.21 9.86 12.49
C LEU A 101 15.48 8.81 13.33
N PHE A 102 16.17 7.69 13.61
CA PHE A 102 15.59 6.62 14.43
C PHE A 102 15.25 7.13 15.82
N ALA A 103 16.17 7.93 16.41
CA ALA A 103 16.07 8.55 17.73
C ALA A 103 16.89 9.83 17.73
N PRO A 104 16.62 10.82 18.64
CA PRO A 104 17.47 12.03 18.68
C PRO A 104 18.97 11.74 18.83
N ASN A 105 19.32 10.60 19.47
CA ASN A 105 20.71 10.15 19.63
C ASN A 105 21.06 8.98 18.66
N LEU A 106 20.28 8.82 17.58
CA LEU A 106 20.51 7.77 16.57
C LEU A 106 20.03 8.23 15.19
N LEU A 107 20.88 9.01 14.50
CA LEU A 107 20.62 9.54 13.16
C LEU A 107 21.60 8.83 12.24
N LEU A 108 21.09 7.89 11.43
CA LEU A 108 21.91 7.03 10.56
C LEU A 108 21.79 7.34 9.07
N ASP A 109 22.94 7.36 8.36
CA ASP A 109 22.96 7.60 6.91
C ASP A 109 22.90 6.28 6.15
N ARG A 110 22.82 6.34 4.80
CA ARG A 110 22.74 5.20 3.89
C ARG A 110 23.89 4.20 4.10
N ASN A 111 25.15 4.70 4.14
CA ASN A 111 26.36 3.89 4.32
C ASN A 111 26.36 3.06 5.61
N GLN A 112 25.69 3.56 6.68
CA GLN A 112 25.56 2.86 7.95
C GLN A 112 24.64 1.64 7.83
N GLY A 113 23.64 1.74 6.93
CA GLY A 113 22.69 0.67 6.64
C GLY A 113 23.33 -0.52 5.96
N LYS A 114 24.40 -0.27 5.18
CA LYS A 114 25.20 -1.28 4.46
C LYS A 114 25.87 -2.29 5.40
N SER A 115 25.97 -1.96 6.72
CA SER A 115 26.54 -2.83 7.77
C SER A 115 25.74 -4.14 7.90
N VAL A 116 24.39 -4.04 7.91
CA VAL A 116 23.48 -5.18 7.99
C VAL A 116 23.03 -5.56 6.58
N GLU A 117 23.09 -6.87 6.24
CA GLU A 117 22.71 -7.39 4.93
C GLU A 117 21.19 -7.29 4.70
N GLY A 118 20.81 -6.77 3.54
CA GLY A 118 19.42 -6.60 3.13
C GLY A 118 18.75 -5.36 3.69
N MET A 119 19.50 -4.60 4.50
CA MET A 119 19.04 -3.39 5.18
C MET A 119 19.17 -2.15 4.30
N VAL A 120 20.17 -2.14 3.39
CA VAL A 120 20.44 -1.03 2.46
C VAL A 120 19.22 -0.70 1.60
N GLU A 121 18.55 -1.73 1.03
CA GLU A 121 17.36 -1.59 0.20
C GLU A 121 16.20 -0.98 0.98
N ILE A 122 16.04 -1.36 2.26
CA ILE A 122 14.99 -0.82 3.12
C ILE A 122 15.28 0.64 3.49
N PHE A 123 16.54 0.96 3.83
CA PHE A 123 16.98 2.33 4.17
C PHE A 123 16.72 3.29 3.01
N ASP A 124 17.10 2.86 1.78
CA ASP A 124 16.92 3.65 0.56
C ASP A 124 15.46 4.01 0.29
N MET A 125 14.54 3.06 0.54
CA MET A 125 13.11 3.25 0.34
C MET A 125 12.57 4.22 1.38
N LEU A 126 12.97 4.05 2.64
CA LEU A 126 12.59 4.93 3.74
C LEU A 126 13.10 6.34 3.46
N LEU A 127 14.35 6.48 2.98
CA LEU A 127 14.93 7.77 2.61
C LEU A 127 14.14 8.46 1.48
N ALA A 128 13.75 7.70 0.44
CA ALA A 128 12.94 8.21 -0.67
C ALA A 128 11.55 8.64 -0.19
N THR A 129 10.93 7.88 0.72
CA THR A 129 9.60 8.24 1.24
C THR A 129 9.69 9.55 2.08
N SER A 130 10.74 9.68 2.88
CA SER A 130 11.03 10.85 3.70
C SER A 130 11.21 12.11 2.87
N SER A 131 11.96 12.04 1.76
CA SER A 131 12.17 13.16 0.83
C SER A 131 10.85 13.53 0.12
N ARG A 132 10.01 12.52 -0.20
CA ARG A 132 8.72 12.74 -0.84
C ARG A 132 7.77 13.50 0.09
N PHE A 133 7.68 13.09 1.37
CA PHE A 133 6.88 13.82 2.36
C PHE A 133 7.41 15.26 2.59
N ARG A 134 8.73 15.45 2.47
CA ARG A 134 9.39 16.74 2.63
C ARG A 134 9.01 17.67 1.45
N MET A 135 9.04 17.14 0.21
CA MET A 135 8.65 17.84 -1.02
C MET A 135 7.18 18.30 -0.95
N MET A 136 6.31 17.48 -0.34
CA MET A 136 4.87 17.69 -0.18
C MET A 136 4.55 18.59 1.00
N ASN A 137 5.55 18.87 1.84
CA ASN A 137 5.47 19.66 3.08
C ASN A 137 4.38 19.07 3.95
N LEU A 138 4.47 17.75 4.20
CA LEU A 138 3.52 17.01 5.04
C LEU A 138 3.44 17.70 6.40
N GLN A 139 2.20 17.95 6.88
CA GLN A 139 1.91 18.62 8.17
C GLN A 139 1.66 17.59 9.25
N GLY A 140 2.00 17.93 10.49
CA GLY A 140 1.80 17.09 11.66
C GLY A 140 0.39 16.53 11.81
N GLU A 141 -0.63 17.39 11.55
CA GLU A 141 -2.08 17.08 11.58
C GLU A 141 -2.45 16.09 10.48
N GLU A 142 -1.71 16.08 9.36
CA GLU A 142 -1.96 15.16 8.23
C GLU A 142 -1.29 13.83 8.54
N PHE A 143 -0.08 13.87 9.18
CA PHE A 143 0.69 12.68 9.52
C PHE A 143 -0.10 11.75 10.48
N VAL A 144 -0.75 12.33 11.48
CA VAL A 144 -1.55 11.57 12.46
C VAL A 144 -2.77 10.92 11.80
N CYS A 145 -3.33 11.59 10.78
CA CYS A 145 -4.48 11.08 10.05
C CYS A 145 -4.03 9.88 9.22
N LEU A 146 -2.86 10.02 8.54
CA LEU A 146 -2.28 8.95 7.72
C LEU A 146 -1.89 7.75 8.59
N LYS A 147 -1.31 8.01 9.77
CA LYS A 147 -0.90 6.94 10.70
C LYS A 147 -2.14 6.14 11.17
N SER A 148 -3.26 6.83 11.47
CA SER A 148 -4.54 6.23 11.84
C SER A 148 -5.16 5.43 10.70
N ILE A 149 -5.07 5.95 9.45
CA ILE A 149 -5.56 5.26 8.25
C ILE A 149 -4.82 3.91 8.11
N ILE A 150 -3.47 3.90 8.23
CA ILE A 150 -2.64 2.68 8.13
C ILE A 150 -3.12 1.60 9.11
N LEU A 151 -3.34 1.98 10.38
CA LEU A 151 -3.82 1.05 11.40
C LEU A 151 -5.18 0.38 11.00
N LEU A 152 -6.17 1.20 10.63
CA LEU A 152 -7.51 0.70 10.32
C LEU A 152 -7.64 0.04 8.96
N ASN A 153 -6.76 0.39 8.00
CA ASN A 153 -6.79 -0.14 6.64
C ASN A 153 -5.96 -1.39 6.38
N SER A 154 -4.77 -1.50 6.97
CA SER A 154 -3.84 -2.57 6.64
C SER A 154 -4.34 -4.01 6.82
N GLY A 155 -5.08 -4.27 7.87
CA GLY A 155 -5.60 -5.61 8.12
C GLY A 155 -7.11 -5.72 7.95
N VAL A 156 -7.72 -4.73 7.24
CA VAL A 156 -9.17 -4.70 7.01
C VAL A 156 -9.64 -5.83 6.06
N TYR A 157 -8.77 -6.31 5.13
CA TYR A 157 -9.10 -7.42 4.23
C TYR A 157 -8.91 -8.83 4.87
N THR A 158 -8.76 -8.88 6.23
CA THR A 158 -8.65 -10.08 7.08
C THR A 158 -7.83 -11.22 6.44
N SER A 166 -21.10 -9.55 10.56
CA SER A 166 -19.76 -9.15 10.15
C SER A 166 -19.75 -8.01 9.12
N LEU A 167 -20.88 -7.77 8.44
CA LEU A 167 -21.03 -6.67 7.46
C LEU A 167 -21.15 -5.33 8.21
N GLU A 168 -21.66 -5.37 9.45
CA GLU A 168 -21.87 -4.22 10.32
C GLU A 168 -20.55 -3.74 10.93
N GLU A 169 -19.68 -4.69 11.35
CA GLU A 169 -18.36 -4.39 11.91
C GLU A 169 -17.40 -3.90 10.82
N LYS A 170 -17.57 -4.46 9.58
CA LYS A 170 -16.79 -4.11 8.39
C LYS A 170 -17.15 -2.69 7.92
N ASP A 171 -18.47 -2.36 7.93
CA ASP A 171 -18.95 -1.03 7.54
C ASP A 171 -18.47 0.02 8.53
N HIS A 172 -18.41 -0.33 9.84
CA HIS A 172 -17.95 0.59 10.88
C HIS A 172 -16.53 1.08 10.62
N ILE A 173 -15.59 0.18 10.23
CA ILE A 173 -14.20 0.60 9.95
C ILE A 173 -14.14 1.52 8.72
N HIS A 174 -14.95 1.20 7.69
CA HIS A 174 -15.09 1.97 6.45
C HIS A 174 -15.57 3.37 6.81
N ARG A 175 -16.61 3.47 7.66
CA ARG A 175 -17.17 4.72 8.14
C ARG A 175 -16.15 5.51 8.96
N VAL A 176 -15.38 4.84 9.86
CA VAL A 176 -14.31 5.48 10.65
C VAL A 176 -13.29 6.08 9.67
N LEU A 177 -12.86 5.27 8.65
CA LEU A 177 -11.91 5.66 7.57
C LEU A 177 -12.45 6.83 6.76
N ASP A 178 -13.79 6.90 6.55
CA ASP A 178 -14.40 8.02 5.83
C ASP A 178 -14.30 9.32 6.67
N LYS A 179 -14.41 9.19 8.00
CA LYS A 179 -14.31 10.29 8.94
C LYS A 179 -12.88 10.90 8.95
N ILE A 180 -11.84 10.06 8.86
CA ILE A 180 -10.44 10.50 8.78
C ILE A 180 -10.16 11.20 7.44
N THR A 181 -10.79 10.70 6.36
CA THR A 181 -10.68 11.29 5.02
C THR A 181 -11.26 12.70 5.07
N ASP A 182 -12.44 12.86 5.70
CA ASP A 182 -13.15 14.13 5.89
C ASP A 182 -12.27 15.11 6.65
N THR A 183 -11.51 14.60 7.66
CA THR A 183 -10.58 15.36 8.50
C THR A 183 -9.40 15.85 7.63
N LEU A 184 -8.82 14.96 6.80
CA LEU A 184 -7.72 15.29 5.89
C LEU A 184 -8.11 16.41 4.92
N ILE A 185 -9.30 16.27 4.29
CA ILE A 185 -9.84 17.27 3.36
C ILE A 185 -10.05 18.63 4.05
N HIS A 186 -10.60 18.62 5.28
CA HIS A 186 -10.87 19.81 6.05
C HIS A 186 -9.58 20.59 6.27
N LEU A 187 -8.50 19.89 6.66
CA LEU A 187 -7.18 20.48 6.86
C LEU A 187 -6.70 21.13 5.57
N MET A 188 -6.86 20.45 4.41
CA MET A 188 -6.45 20.95 3.08
C MET A 188 -7.27 22.17 2.64
N ALA A 189 -8.57 22.21 2.99
CA ALA A 189 -9.43 23.35 2.67
C ALA A 189 -9.02 24.56 3.53
N LYS A 190 -8.72 24.34 4.82
CA LYS A 190 -8.30 25.43 5.72
C LYS A 190 -6.94 25.97 5.28
N ALA A 191 -6.01 25.09 4.80
CA ALA A 191 -4.71 25.48 4.24
C ALA A 191 -4.86 26.26 2.91
N GLY A 192 -6.09 26.36 2.41
CA GLY A 192 -6.41 27.14 1.21
C GLY A 192 -6.25 26.45 -0.13
N LEU A 193 -6.35 25.12 -0.15
CA LEU A 193 -6.28 24.38 -1.40
C LEU A 193 -7.66 24.40 -2.08
N THR A 194 -7.69 24.51 -3.42
CA THR A 194 -8.94 24.43 -4.19
C THR A 194 -9.47 22.99 -4.10
N LEU A 195 -10.73 22.76 -4.51
CA LEU A 195 -11.32 21.42 -4.46
C LEU A 195 -10.50 20.38 -5.26
N GLN A 196 -10.00 20.77 -6.46
CA GLN A 196 -9.18 19.94 -7.33
C GLN A 196 -7.86 19.62 -6.64
N GLN A 197 -7.22 20.65 -6.04
CA GLN A 197 -5.95 20.52 -5.30
C GLN A 197 -6.13 19.61 -4.09
N GLN A 198 -7.28 19.68 -3.42
CA GLN A 198 -7.65 18.85 -2.28
C GLN A 198 -7.65 17.37 -2.67
N HIS A 199 -8.29 17.01 -3.79
CA HIS A 199 -8.38 15.62 -4.26
C HIS A 199 -7.04 15.06 -4.66
N GLN A 200 -6.27 15.86 -5.40
CA GLN A 200 -4.92 15.56 -5.86
C GLN A 200 -3.95 15.33 -4.70
N ARG A 201 -3.94 16.19 -3.64
CA ARG A 201 -3.09 16.00 -2.47
C ARG A 201 -3.51 14.74 -1.69
N LEU A 202 -4.82 14.53 -1.47
CA LEU A 202 -5.34 13.33 -0.81
C LEU A 202 -4.87 12.09 -1.56
N ALA A 203 -4.97 12.07 -2.92
CA ALA A 203 -4.50 10.97 -3.76
C ALA A 203 -2.98 10.75 -3.62
N GLN A 204 -2.16 11.82 -3.65
CA GLN A 204 -0.70 11.67 -3.52
C GLN A 204 -0.32 11.08 -2.17
N LEU A 205 -0.97 11.52 -1.07
CA LEU A 205 -0.72 11.01 0.28
C LEU A 205 -1.07 9.52 0.36
N LEU A 206 -2.27 9.11 -0.12
CA LEU A 206 -2.74 7.71 -0.12
C LEU A 206 -1.92 6.80 -1.02
N LEU A 207 -1.39 7.33 -2.13
CA LEU A 207 -0.49 6.57 -2.99
C LEU A 207 0.84 6.25 -2.28
N ILE A 208 1.33 7.14 -1.40
CA ILE A 208 2.54 6.88 -0.59
C ILE A 208 2.29 5.74 0.40
N LEU A 209 1.05 5.58 0.91
CA LEU A 209 0.70 4.47 1.80
C LEU A 209 0.94 3.11 1.14
N SER A 210 0.77 3.00 -0.22
CA SER A 210 1.05 1.79 -1.03
C SER A 210 2.52 1.47 -0.95
N HIS A 211 3.40 2.50 -1.02
N HIS A 211 3.37 2.52 -1.01
CA HIS A 211 4.85 2.31 -0.93
CA HIS A 211 4.83 2.39 -0.93
C HIS A 211 5.26 1.94 0.51
C HIS A 211 5.26 1.99 0.48
N ILE A 212 4.53 2.44 1.51
CA ILE A 212 4.80 2.14 2.94
C ILE A 212 4.46 0.66 3.21
N ARG A 213 3.37 0.14 2.61
CA ARG A 213 3.00 -1.28 2.71
C ARG A 213 4.12 -2.11 2.07
N HIS A 214 4.60 -1.70 0.89
CA HIS A 214 5.69 -2.36 0.18
C HIS A 214 6.96 -2.49 1.04
N MET A 215 7.41 -1.39 1.66
CA MET A 215 8.59 -1.34 2.56
C MET A 215 8.40 -2.28 3.77
N SER A 216 7.17 -2.29 4.32
CA SER A 216 6.82 -3.14 5.45
C SER A 216 6.86 -4.63 5.06
N ASN A 217 6.42 -5.01 3.81
CA ASN A 217 6.50 -6.38 3.32
C ASN A 217 7.97 -6.75 3.17
N LYS A 218 8.81 -5.85 2.60
CA LYS A 218 10.25 -6.11 2.48
C LYS A 218 10.92 -6.22 3.87
N GLY A 219 10.41 -5.44 4.83
CA GLY A 219 10.85 -5.41 6.22
C GLY A 219 10.52 -6.72 6.92
N MET A 220 9.27 -7.22 6.73
CA MET A 220 8.82 -8.51 7.29
C MET A 220 9.62 -9.65 6.70
N GLU A 221 9.94 -9.59 5.38
CA GLU A 221 10.70 -10.62 4.68
C GLU A 221 12.07 -10.72 5.34
N HIS A 222 12.69 -9.58 5.61
CA HIS A 222 13.97 -9.51 6.28
C HIS A 222 13.91 -10.16 7.66
N LEU A 223 12.85 -9.88 8.42
CA LEU A 223 12.64 -10.42 9.77
C LEU A 223 12.44 -11.93 9.78
N TYR A 224 11.63 -12.44 8.84
CA TYR A 224 11.36 -13.87 8.66
C TYR A 224 12.59 -14.63 8.15
N SER A 225 13.54 -13.94 7.49
CA SER A 225 14.79 -14.55 7.00
C SER A 225 15.82 -14.71 8.15
N MET A 226 15.63 -13.99 9.26
CA MET A 226 16.51 -14.05 10.42
C MET A 226 16.37 -15.40 11.12
N LYS A 227 17.51 -15.95 11.57
CA LYS A 227 17.66 -17.24 12.26
C LYS A 227 16.83 -17.31 13.55
N SER A 228 16.72 -16.18 14.28
CA SER A 228 15.98 -16.03 15.53
C SER A 228 14.49 -16.37 15.35
N LYS A 229 13.91 -17.07 16.34
CA LYS A 229 12.52 -17.54 16.37
C LYS A 229 11.48 -16.48 16.80
N ASN A 230 11.85 -15.57 17.72
CA ASN A 230 10.96 -14.53 18.23
C ASN A 230 11.43 -13.13 17.80
N VAL A 231 11.39 -12.89 16.47
CA VAL A 231 11.80 -11.62 15.86
C VAL A 231 10.58 -10.88 15.26
N VAL A 232 9.49 -11.62 15.01
CA VAL A 232 8.25 -11.05 14.48
C VAL A 232 7.19 -11.15 15.58
N PRO A 233 6.51 -10.04 15.98
CA PRO A 233 5.47 -10.18 17.02
C PRO A 233 4.33 -11.07 16.56
N SER A 234 4.14 -12.19 17.27
CA SER A 234 3.10 -13.18 17.01
C SER A 234 1.74 -12.66 17.44
N TYR A 235 0.68 -13.31 16.99
CA TYR A 235 -0.71 -13.01 17.35
C TYR A 235 -0.88 -13.02 18.88
N ASP A 236 -0.34 -14.07 19.54
CA ASP A 236 -0.38 -14.31 20.99
C ASP A 236 0.25 -13.18 21.76
N LEU A 237 1.46 -12.75 21.35
CA LEU A 237 2.20 -11.66 21.99
C LEU A 237 1.44 -10.34 21.86
N LEU A 238 0.84 -10.10 20.66
CA LEU A 238 0.06 -8.89 20.46
C LEU A 238 -1.26 -8.88 21.27
N LEU A 239 -1.91 -10.06 21.38
CA LEU A 239 -3.14 -10.22 22.16
C LEU A 239 -2.81 -9.97 23.59
N GLU A 240 -1.74 -10.62 24.09
CA GLU A 240 -1.25 -10.46 25.46
C GLU A 240 -0.96 -8.98 25.69
N MET A 241 -0.32 -8.28 24.72
CA MET A 241 -0.03 -6.85 24.88
C MET A 241 -1.28 -5.97 25.01
N LEU A 242 -2.31 -6.23 24.19
CA LEU A 242 -3.57 -5.46 24.21
C LEU A 242 -4.41 -5.74 25.45
N ASP A 243 -4.39 -6.99 25.93
CA ASP A 243 -5.13 -7.38 27.13
C ASP A 243 -4.45 -6.88 28.43
N ALA A 244 -3.11 -6.81 28.45
CA ALA A 244 -2.33 -6.32 29.59
C ALA A 244 -2.41 -4.80 29.75
N HIS A 245 -2.84 -4.06 28.70
CA HIS A 245 -3.05 -2.62 28.72
C HIS A 245 -4.18 -2.30 29.73
N ARG A 246 -5.20 -3.21 29.84
CA ARG A 246 -6.32 -3.09 30.77
C ARG A 246 -5.82 -3.04 32.22
N LEU A 247 -4.63 -3.61 32.48
CA LEU A 247 -4.03 -3.62 33.84
C LEU A 247 -3.13 -2.39 34.13
N HIS A 248 -2.82 -1.57 33.09
CA HIS A 248 -2.03 -0.35 33.28
C HIS A 248 -2.81 0.78 33.97
N ALA A 249 -2.09 1.62 34.74
CA ALA A 249 -2.67 2.81 35.37
C ALA A 249 -2.94 3.85 34.26
N PRO A 250 -4.11 4.55 34.28
CA PRO A 250 -4.42 5.53 33.21
C PRO A 250 -3.43 6.69 33.09
N ALA B 5 -1.16 14.36 -24.61
CA ALA B 5 -1.10 13.32 -23.58
C ALA B 5 -1.80 13.80 -22.28
N LEU B 6 -1.35 14.96 -21.74
CA LEU B 6 -1.94 15.69 -20.61
C LEU B 6 -2.96 16.70 -21.15
N SER B 7 -3.12 16.80 -22.50
CA SER B 7 -4.08 17.69 -23.16
C SER B 7 -5.49 17.09 -23.31
N LEU B 8 -5.65 15.78 -23.02
CA LEU B 8 -6.93 15.05 -23.10
C LEU B 8 -7.96 15.50 -22.05
N THR B 9 -9.27 15.49 -22.38
CA THR B 9 -10.30 15.84 -21.39
C THR B 9 -10.54 14.63 -20.47
N ALA B 10 -11.23 14.80 -19.31
CA ALA B 10 -11.55 13.69 -18.40
C ALA B 10 -12.28 12.56 -19.17
N ASP B 11 -13.22 12.91 -20.07
CA ASP B 11 -13.96 11.97 -20.91
C ASP B 11 -13.09 11.33 -22.00
N GLN B 12 -12.11 12.09 -22.56
CA GLN B 12 -11.17 11.57 -23.56
C GLN B 12 -10.18 10.59 -22.90
N MET B 13 -9.77 10.89 -21.66
CA MET B 13 -8.88 10.08 -20.84
C MET B 13 -9.49 8.69 -20.66
N VAL B 14 -10.76 8.63 -20.19
CA VAL B 14 -11.57 7.42 -19.96
C VAL B 14 -11.70 6.63 -21.26
N SER B 15 -12.03 7.34 -22.36
CA SER B 15 -12.18 6.74 -23.68
C SER B 15 -10.92 6.00 -24.14
N ALA B 16 -9.76 6.69 -24.05
CA ALA B 16 -8.45 6.15 -24.42
C ALA B 16 -8.11 4.93 -23.55
N LEU B 17 -8.46 4.98 -22.26
CA LEU B 17 -8.21 3.88 -21.32
C LEU B 17 -9.09 2.69 -21.62
N LEU B 18 -10.40 2.92 -21.89
CA LEU B 18 -11.33 1.86 -22.25
C LEU B 18 -10.91 1.18 -23.55
N ASP B 19 -10.42 1.96 -24.55
CA ASP B 19 -9.95 1.48 -25.85
C ASP B 19 -8.72 0.60 -25.77
N ALA B 20 -7.76 0.98 -24.90
CA ALA B 20 -6.50 0.29 -24.68
C ALA B 20 -6.67 -1.07 -23.97
N GLU B 21 -7.87 -1.35 -23.42
CA GLU B 21 -8.15 -2.56 -22.63
C GLU B 21 -7.75 -3.87 -23.32
N PRO B 22 -6.94 -4.72 -22.64
CA PRO B 22 -6.54 -5.99 -23.25
C PRO B 22 -7.70 -6.97 -23.35
N PRO B 23 -7.64 -7.97 -24.28
CA PRO B 23 -8.74 -8.91 -24.38
C PRO B 23 -8.76 -9.94 -23.27
N ILE B 24 -9.92 -10.59 -23.08
CA ILE B 24 -10.08 -11.67 -22.11
C ILE B 24 -9.59 -12.96 -22.79
N LEU B 25 -8.50 -13.53 -22.27
CA LEU B 25 -7.87 -14.73 -22.83
C LEU B 25 -8.45 -15.99 -22.22
N TYR B 26 -8.28 -17.13 -22.93
CA TYR B 26 -8.71 -18.42 -22.42
C TYR B 26 -7.52 -19.17 -21.87
N SER B 27 -7.78 -20.08 -20.92
CA SER B 27 -6.77 -20.97 -20.37
C SER B 27 -6.55 -22.09 -21.41
N GLU B 28 -5.35 -22.71 -21.50
CA GLU B 28 -5.11 -23.84 -22.43
C GLU B 28 -6.35 -24.77 -22.47
N TYR B 29 -6.91 -25.03 -23.70
CA TYR B 29 -8.15 -25.80 -23.90
C TYR B 29 -8.16 -27.18 -23.20
N ASP B 30 -7.05 -27.94 -23.28
CA ASP B 30 -6.93 -29.23 -22.61
C ASP B 30 -6.70 -29.05 -21.10
N PRO B 34 -10.79 -32.96 -14.12
CA PRO B 34 -10.33 -32.46 -12.82
C PRO B 34 -8.89 -31.94 -12.86
N PHE B 35 -8.50 -31.09 -11.88
CA PHE B 35 -7.18 -30.48 -11.83
C PHE B 35 -6.24 -31.03 -10.75
N SER B 36 -4.94 -31.03 -11.07
CA SER B 36 -3.88 -31.45 -10.15
C SER B 36 -3.14 -30.19 -9.67
N GLU B 37 -2.20 -30.36 -8.71
CA GLU B 37 -1.39 -29.28 -8.15
C GLU B 37 -0.42 -28.71 -9.20
N ALA B 38 0.15 -29.58 -10.06
CA ALA B 38 1.08 -29.21 -11.13
C ALA B 38 0.35 -28.72 -12.39
N SER B 39 -0.85 -29.30 -12.68
CA SER B 39 -1.64 -28.89 -13.85
C SER B 39 -2.23 -27.49 -13.64
N MET B 40 -2.72 -27.16 -12.42
CA MET B 40 -3.19 -25.81 -12.09
C MET B 40 -2.07 -24.75 -12.26
N MET B 41 -0.90 -24.98 -11.60
CA MET B 41 0.28 -24.09 -11.65
C MET B 41 0.74 -23.88 -13.09
N GLY B 42 0.74 -24.97 -13.89
CA GLY B 42 1.09 -24.97 -15.30
C GLY B 42 0.16 -24.07 -16.10
N LEU B 43 -1.16 -24.20 -15.84
CA LEU B 43 -2.20 -23.41 -16.51
C LEU B 43 -2.11 -21.93 -16.13
N LEU B 44 -1.86 -21.65 -14.84
CA LEU B 44 -1.74 -20.27 -14.35
C LEU B 44 -0.56 -19.53 -14.97
N THR B 45 0.59 -20.21 -15.09
CA THR B 45 1.85 -19.73 -15.66
C THR B 45 1.69 -19.47 -17.15
N ASN B 46 1.11 -20.42 -17.91
CA ASN B 46 0.89 -20.25 -19.33
C ASN B 46 -0.01 -19.05 -19.60
N LEU B 47 -1.10 -18.91 -18.81
CA LEU B 47 -2.03 -17.79 -18.93
C LEU B 47 -1.35 -16.45 -18.59
N ALA B 48 -0.58 -16.39 -17.48
CA ALA B 48 0.14 -15.17 -17.08
C ALA B 48 1.10 -14.69 -18.17
N ASP B 49 1.83 -15.64 -18.81
CA ASP B 49 2.79 -15.39 -19.88
C ASP B 49 2.14 -14.81 -21.14
N ARG B 50 0.96 -15.32 -21.50
CA ARG B 50 0.20 -14.83 -22.66
C ARG B 50 -0.41 -13.47 -22.35
N GLU B 51 -0.95 -13.30 -21.14
CA GLU B 51 -1.49 -12.01 -20.67
C GLU B 51 -0.45 -10.88 -20.62
N LEU B 52 0.82 -11.23 -20.30
CA LEU B 52 1.93 -10.29 -20.18
C LEU B 52 2.25 -9.63 -21.54
N VAL B 53 2.08 -10.38 -22.64
CA VAL B 53 2.32 -9.86 -23.99
C VAL B 53 1.33 -8.75 -24.30
N HIS B 54 0.05 -8.97 -23.93
CA HIS B 54 -1.04 -8.02 -24.11
C HIS B 54 -0.89 -6.83 -23.17
N MET B 55 -0.35 -7.06 -21.96
CA MET B 55 -0.13 -6.01 -20.98
C MET B 55 0.86 -5.00 -21.56
N ILE B 56 1.92 -5.48 -22.23
CA ILE B 56 2.91 -4.58 -22.86
C ILE B 56 2.18 -3.68 -23.85
N ASN B 57 1.39 -4.27 -24.75
CA ASN B 57 0.62 -3.50 -25.72
C ASN B 57 -0.39 -2.53 -25.02
N TRP B 58 -1.01 -2.93 -23.90
CA TRP B 58 -1.93 -2.06 -23.14
C TRP B 58 -1.16 -0.84 -22.55
N ALA B 59 -0.02 -1.10 -21.86
CA ALA B 59 0.81 -0.07 -21.19
C ALA B 59 1.23 1.01 -22.18
N LYS B 60 1.65 0.60 -23.38
CA LYS B 60 2.06 1.49 -24.48
C LYS B 60 0.91 2.39 -24.96
N ARG B 61 -0.35 2.06 -24.57
CA ARG B 61 -1.54 2.83 -24.95
C ARG B 61 -2.11 3.68 -23.79
N VAL B 62 -1.47 3.61 -22.60
CA VAL B 62 -1.83 4.40 -21.43
C VAL B 62 -1.23 5.80 -21.68
N PRO B 63 -2.04 6.87 -21.65
CA PRO B 63 -1.47 8.20 -21.92
C PRO B 63 -0.31 8.58 -20.99
N GLY B 64 0.75 9.10 -21.58
CA GLY B 64 1.97 9.51 -20.87
C GLY B 64 3.03 8.43 -20.72
N PHE B 65 2.69 7.16 -20.98
CA PHE B 65 3.62 6.05 -20.83
C PHE B 65 4.75 6.05 -21.86
N VAL B 66 4.43 6.26 -23.15
CA VAL B 66 5.45 6.27 -24.22
C VAL B 66 6.31 7.55 -24.19
N ASP B 67 5.90 8.55 -23.38
CA ASP B 67 6.64 9.79 -23.19
C ASP B 67 7.89 9.50 -22.36
N LEU B 68 7.88 8.35 -21.64
CA LEU B 68 8.99 7.91 -20.81
C LEU B 68 10.05 7.20 -21.61
N THR B 69 11.28 7.15 -21.07
CA THR B 69 12.39 6.43 -21.70
C THR B 69 12.06 4.95 -21.62
N LEU B 70 12.63 4.16 -22.54
CA LEU B 70 12.45 2.72 -22.59
C LEU B 70 12.83 2.12 -21.22
N HIS B 71 13.96 2.57 -20.64
CA HIS B 71 14.49 2.18 -19.34
C HIS B 71 13.44 2.31 -18.23
N ASP B 72 12.80 3.51 -18.13
CA ASP B 72 11.76 3.84 -17.15
C ASP B 72 10.48 3.04 -17.37
N GLN B 73 10.13 2.77 -18.64
CA GLN B 73 8.94 1.97 -18.95
C GLN B 73 9.12 0.55 -18.39
N VAL B 74 10.31 -0.05 -18.62
CA VAL B 74 10.69 -1.38 -18.14
C VAL B 74 10.62 -1.43 -16.62
N HIS B 75 11.18 -0.39 -15.91
CA HIS B 75 11.17 -0.30 -14.44
C HIS B 75 9.75 -0.32 -13.87
N LEU B 76 8.83 0.40 -14.51
CA LEU B 76 7.42 0.47 -14.11
C LEU B 76 6.73 -0.87 -14.34
N LEU B 77 6.99 -1.54 -15.48
CA LEU B 77 6.36 -2.85 -15.72
C LEU B 77 6.93 -3.92 -14.81
N GLU B 78 8.23 -3.85 -14.52
CA GLU B 78 8.93 -4.79 -13.65
C GLU B 78 8.36 -4.76 -12.24
N SER B 79 8.05 -3.56 -11.70
CA SER B 79 7.45 -3.43 -10.36
C SER B 79 5.95 -3.74 -10.36
N ALA B 80 5.21 -3.34 -11.43
CA ALA B 80 3.76 -3.46 -11.50
C ALA B 80 3.10 -4.72 -12.14
N TRP B 81 3.79 -5.49 -13.04
CA TRP B 81 3.17 -6.62 -13.81
C TRP B 81 2.18 -7.53 -12.99
N LEU B 82 2.57 -8.02 -11.81
CA LEU B 82 1.71 -8.89 -10.98
C LEU B 82 0.51 -8.15 -10.37
N GLU B 83 0.67 -6.88 -9.91
CA GLU B 83 -0.45 -6.07 -9.39
C GLU B 83 -1.41 -5.83 -10.56
N ILE B 84 -0.87 -5.63 -11.78
CA ILE B 84 -1.73 -5.43 -12.95
C ILE B 84 -2.51 -6.72 -13.31
N LEU B 85 -1.90 -7.90 -13.22
CA LEU B 85 -2.67 -9.12 -13.48
C LEU B 85 -3.71 -9.26 -12.37
N MET B 86 -3.28 -9.06 -11.10
CA MET B 86 -4.16 -9.22 -9.94
C MET B 86 -5.37 -8.28 -9.93
N ILE B 87 -5.21 -6.99 -10.26
CA ILE B 87 -6.36 -6.08 -10.33
C ILE B 87 -7.35 -6.50 -11.44
N GLY B 88 -6.82 -6.99 -12.55
CA GLY B 88 -7.59 -7.49 -13.69
C GLY B 88 -8.41 -8.70 -13.26
N LEU B 89 -7.77 -9.61 -12.52
CA LEU B 89 -8.41 -10.82 -12.02
C LEU B 89 -9.56 -10.54 -11.07
N VAL B 90 -9.31 -9.68 -10.05
CA VAL B 90 -10.27 -9.29 -9.01
C VAL B 90 -11.49 -8.58 -9.65
N TRP B 91 -11.27 -7.78 -10.70
CA TRP B 91 -12.31 -7.11 -11.47
C TRP B 91 -13.20 -8.15 -12.19
N ARG B 92 -12.59 -9.11 -12.92
CA ARG B 92 -13.31 -10.19 -13.63
C ARG B 92 -14.09 -11.09 -12.67
N SER B 93 -13.54 -11.30 -11.47
CA SER B 93 -14.13 -12.20 -10.47
C SER B 93 -15.26 -11.59 -9.65
N MET B 94 -15.50 -10.28 -9.82
CA MET B 94 -16.52 -9.50 -9.08
C MET B 94 -17.89 -10.17 -9.02
N GLU B 95 -18.44 -10.59 -10.16
CA GLU B 95 -19.77 -11.23 -10.27
C GLU B 95 -19.75 -12.72 -9.90
N HIS B 96 -18.62 -13.24 -9.41
CA HIS B 96 -18.53 -14.66 -9.04
C HIS B 96 -18.12 -14.83 -7.56
N PRO B 97 -19.02 -14.53 -6.59
CA PRO B 97 -18.64 -14.68 -5.17
C PRO B 97 -18.08 -16.05 -4.85
N GLY B 98 -16.93 -16.06 -4.17
CA GLY B 98 -16.25 -17.29 -3.77
C GLY B 98 -15.45 -17.96 -4.86
N LYS B 99 -15.37 -17.32 -6.05
CA LYS B 99 -14.62 -17.84 -7.19
C LYS B 99 -13.72 -16.81 -7.85
N LEU B 100 -12.64 -17.29 -8.48
CA LEU B 100 -11.70 -16.43 -9.21
C LEU B 100 -11.79 -16.76 -10.69
N LEU B 101 -12.19 -15.78 -11.49
CA LEU B 101 -12.35 -15.92 -12.93
C LEU B 101 -11.04 -15.65 -13.68
N PHE B 102 -10.15 -16.64 -13.67
CA PHE B 102 -8.85 -16.60 -14.37
C PHE B 102 -9.03 -16.48 -15.87
N ALA B 103 -10.02 -17.21 -16.39
CA ALA B 103 -10.40 -17.23 -17.81
C ALA B 103 -11.84 -17.71 -17.91
N PRO B 104 -12.58 -17.43 -19.02
CA PRO B 104 -13.96 -17.96 -19.13
C PRO B 104 -14.07 -19.49 -18.96
N ASN B 105 -13.01 -20.23 -19.30
CA ASN B 105 -12.93 -21.69 -19.15
C ASN B 105 -12.06 -22.07 -17.93
N LEU B 106 -11.80 -21.13 -16.98
CA LEU B 106 -11.01 -21.38 -15.78
C LEU B 106 -11.49 -20.51 -14.62
N LEU B 107 -12.58 -20.96 -13.96
CA LEU B 107 -13.21 -20.31 -12.81
C LEU B 107 -12.94 -21.23 -11.63
N LEU B 108 -12.00 -20.83 -10.75
CA LEU B 108 -11.54 -21.65 -9.63
C LEU B 108 -11.99 -21.16 -8.26
N ASP B 109 -12.43 -22.10 -7.39
CA ASP B 109 -12.84 -21.77 -6.03
C ASP B 109 -11.66 -21.89 -5.05
N ARG B 110 -11.88 -21.52 -3.76
CA ARG B 110 -10.89 -21.57 -2.69
C ARG B 110 -10.23 -22.94 -2.53
N ASN B 111 -11.04 -24.02 -2.47
CA ASN B 111 -10.60 -25.40 -2.30
C ASN B 111 -9.64 -25.87 -3.40
N GLN B 112 -9.79 -25.32 -4.62
CA GLN B 112 -8.92 -25.63 -5.75
C GLN B 112 -7.50 -25.04 -5.56
N GLY B 113 -7.43 -23.89 -4.86
CA GLY B 113 -6.19 -23.20 -4.52
C GLY B 113 -5.32 -23.97 -3.54
N LYS B 114 -5.98 -24.78 -2.67
CA LYS B 114 -5.35 -25.64 -1.66
C LYS B 114 -4.45 -26.73 -2.29
N SER B 115 -4.60 -26.99 -3.61
CA SER B 115 -3.78 -27.94 -4.39
C SER B 115 -2.30 -27.55 -4.38
N VAL B 116 -2.00 -26.24 -4.59
CA VAL B 116 -0.64 -25.70 -4.56
C VAL B 116 -0.37 -25.09 -3.18
N GLU B 117 0.79 -25.42 -2.57
CA GLU B 117 1.18 -24.92 -1.24
C GLU B 117 1.52 -23.42 -1.27
N GLY B 118 0.97 -22.66 -0.32
CA GLY B 118 1.16 -21.22 -0.19
C GLY B 118 0.27 -20.39 -1.10
N MET B 119 -0.56 -21.08 -1.92
CA MET B 119 -1.47 -20.47 -2.89
C MET B 119 -2.83 -20.13 -2.25
N VAL B 120 -3.24 -20.90 -1.21
CA VAL B 120 -4.50 -20.70 -0.49
C VAL B 120 -4.59 -19.27 0.09
N GLU B 121 -3.50 -18.79 0.73
CA GLU B 121 -3.44 -17.44 1.31
C GLU B 121 -3.58 -16.36 0.24
N ILE B 122 -2.98 -16.56 -0.95
CA ILE B 122 -3.08 -15.59 -2.03
C ILE B 122 -4.51 -15.59 -2.63
N PHE B 123 -5.12 -16.78 -2.82
CA PHE B 123 -6.49 -16.94 -3.33
C PHE B 123 -7.49 -16.21 -2.43
N ASP B 124 -7.37 -16.44 -1.11
CA ASP B 124 -8.23 -15.81 -0.11
C ASP B 124 -8.19 -14.29 -0.14
N MET B 125 -7.00 -13.70 -0.33
CA MET B 125 -6.81 -12.27 -0.41
C MET B 125 -7.45 -11.72 -1.68
N LEU B 126 -7.21 -12.39 -2.80
CA LEU B 126 -7.80 -12.02 -4.10
C LEU B 126 -9.34 -12.09 -4.01
N LEU B 127 -9.88 -13.16 -3.37
CA LEU B 127 -11.32 -13.33 -3.16
C LEU B 127 -11.91 -12.18 -2.32
N ALA B 128 -11.23 -11.82 -1.21
CA ALA B 128 -11.63 -10.71 -0.35
C ALA B 128 -11.59 -9.37 -1.10
N THR B 129 -10.57 -9.15 -1.95
CA THR B 129 -10.47 -7.89 -2.71
C THR B 129 -11.61 -7.78 -3.74
N SER B 130 -11.93 -8.90 -4.38
CA SER B 130 -13.00 -9.02 -5.34
C SER B 130 -14.37 -8.70 -4.73
N SER B 131 -14.65 -9.23 -3.53
CA SER B 131 -15.89 -8.94 -2.80
C SER B 131 -15.96 -7.47 -2.36
N ARG B 132 -14.80 -6.87 -2.00
CA ARG B 132 -14.70 -5.46 -1.61
C ARG B 132 -15.05 -4.55 -2.78
N PHE B 133 -14.49 -4.82 -3.98
CA PHE B 133 -14.83 -4.07 -5.18
C PHE B 133 -16.31 -4.23 -5.57
N ARG B 134 -16.89 -5.41 -5.28
CA ARG B 134 -18.28 -5.73 -5.56
C ARG B 134 -19.20 -4.92 -4.63
N MET B 135 -18.84 -4.84 -3.34
CA MET B 135 -19.55 -4.06 -2.30
C MET B 135 -19.55 -2.56 -2.65
N MET B 136 -18.45 -2.06 -3.24
CA MET B 136 -18.26 -0.67 -3.65
C MET B 136 -18.91 -0.36 -5.00
N ASN B 137 -19.34 -1.41 -5.72
CA ASN B 137 -19.93 -1.36 -7.05
C ASN B 137 -18.94 -0.66 -7.98
N LEU B 138 -17.67 -1.13 -7.98
CA LEU B 138 -16.62 -0.58 -8.83
C LEU B 138 -17.06 -0.60 -10.28
N GLN B 139 -16.92 0.53 -10.98
CA GLN B 139 -17.30 0.72 -12.38
C GLN B 139 -16.11 0.48 -13.29
N GLY B 140 -16.39 0.01 -14.51
CA GLY B 140 -15.37 -0.25 -15.50
C GLY B 140 -14.43 0.91 -15.76
N GLU B 141 -15.00 2.14 -15.83
CA GLU B 141 -14.31 3.41 -16.07
C GLU B 141 -13.40 3.76 -14.90
N GLU B 142 -13.73 3.29 -13.69
CA GLU B 142 -12.92 3.53 -12.48
C GLU B 142 -11.81 2.50 -12.42
N PHE B 143 -12.10 1.22 -12.85
CA PHE B 143 -11.12 0.13 -12.85
C PHE B 143 -9.90 0.45 -13.75
N VAL B 144 -10.16 1.01 -14.93
CA VAL B 144 -9.11 1.36 -15.88
C VAL B 144 -8.24 2.51 -15.35
N CYS B 145 -8.83 3.40 -14.55
CA CYS B 145 -8.11 4.52 -13.94
C CYS B 145 -7.19 3.96 -12.87
N LEU B 146 -7.73 3.04 -12.04
CA LEU B 146 -6.95 2.40 -10.97
C LEU B 146 -5.82 1.56 -11.55
N LYS B 147 -6.09 0.79 -12.65
CA LYS B 147 -5.07 -0.02 -13.29
C LYS B 147 -3.91 0.86 -13.82
N SER B 148 -4.25 2.04 -14.42
CA SER B 148 -3.27 3.02 -14.93
C SER B 148 -2.47 3.64 -13.78
N ILE B 149 -3.12 3.91 -12.62
CA ILE B 149 -2.46 4.45 -11.44
C ILE B 149 -1.40 3.42 -10.97
N ILE B 150 -1.75 2.12 -10.88
CA ILE B 150 -0.81 1.06 -10.45
C ILE B 150 0.47 1.04 -11.35
N LEU B 151 0.28 1.20 -12.67
CA LEU B 151 1.37 1.22 -13.65
C LEU B 151 2.35 2.36 -13.40
N LEU B 152 1.81 3.57 -13.26
CA LEU B 152 2.63 4.74 -13.05
C LEU B 152 3.21 4.87 -11.66
N ASN B 153 2.49 4.38 -10.65
CA ASN B 153 2.84 4.55 -9.24
C ASN B 153 3.76 3.51 -8.63
N SER B 154 3.58 2.21 -8.95
CA SER B 154 4.28 1.13 -8.27
C SER B 154 5.81 1.22 -8.30
N GLY B 155 6.39 1.64 -9.43
CA GLY B 155 7.83 1.74 -9.60
C GLY B 155 8.35 3.17 -9.64
N VAL B 156 7.53 4.14 -9.19
CA VAL B 156 7.91 5.55 -9.25
C VAL B 156 9.04 5.88 -8.23
N TYR B 157 9.05 5.19 -7.07
CA TYR B 157 10.07 5.37 -6.02
C TYR B 157 11.26 4.43 -6.23
N THR B 158 11.29 3.74 -7.40
CA THR B 158 12.30 2.79 -7.90
C THR B 158 13.33 3.56 -8.72
N PHE B 159 12.88 4.48 -9.61
CA PHE B 159 13.70 5.33 -10.48
C PHE B 159 14.76 6.09 -9.67
N LEU B 160 16.05 5.95 -10.08
CA LEU B 160 17.24 6.56 -9.46
C LEU B 160 17.14 8.08 -9.29
N SER B 161 17.16 8.83 -10.42
CA SER B 161 17.04 10.29 -10.53
C SER B 161 18.07 11.11 -9.73
N SER B 162 19.33 11.13 -10.20
CA SER B 162 20.37 11.94 -9.58
C SER B 162 20.92 12.99 -10.54
N THR B 163 20.13 13.29 -11.59
CA THR B 163 20.40 14.29 -12.61
C THR B 163 19.12 15.16 -12.73
N LEU B 164 18.72 15.53 -13.96
CA LEU B 164 17.51 16.31 -14.21
C LEU B 164 16.30 15.36 -14.32
N LYS B 165 16.56 14.02 -14.37
CA LYS B 165 15.57 12.96 -14.45
C LYS B 165 14.62 12.96 -13.26
N GLU B 168 12.48 15.94 -13.65
CA GLU B 168 11.61 16.35 -14.76
C GLU B 168 10.74 15.18 -15.24
N GLU B 169 11.33 13.98 -15.32
CA GLU B 169 10.64 12.74 -15.69
C GLU B 169 9.69 12.29 -14.56
N LYS B 170 10.11 12.52 -13.29
CA LYS B 170 9.36 12.20 -12.07
C LYS B 170 8.15 13.14 -11.94
N ASP B 171 8.33 14.44 -12.26
CA ASP B 171 7.25 15.42 -12.22
C ASP B 171 6.20 15.10 -13.29
N HIS B 172 6.66 14.65 -14.49
CA HIS B 172 5.74 14.26 -15.57
C HIS B 172 4.81 13.11 -15.17
N ILE B 173 5.38 12.06 -14.51
CA ILE B 173 4.64 10.90 -14.02
C ILE B 173 3.60 11.34 -12.99
N HIS B 174 4.01 12.25 -12.05
CA HIS B 174 3.14 12.76 -11.02
C HIS B 174 2.04 13.64 -11.60
N ARG B 175 2.35 14.37 -12.68
CA ARG B 175 1.37 15.18 -13.43
C ARG B 175 0.34 14.26 -14.10
N VAL B 176 0.78 13.06 -14.62
CA VAL B 176 -0.13 12.08 -15.24
C VAL B 176 -1.01 11.48 -14.12
N LEU B 177 -0.42 11.21 -12.93
CA LEU B 177 -1.15 10.67 -11.78
C LEU B 177 -2.22 11.63 -11.23
N ASP B 178 -1.93 12.95 -11.24
CA ASP B 178 -2.90 13.98 -10.83
C ASP B 178 -4.04 14.06 -11.83
N LYS B 179 -3.74 13.87 -13.11
CA LYS B 179 -4.69 13.87 -14.22
C LYS B 179 -5.69 12.68 -14.11
N ILE B 180 -5.19 11.49 -13.68
CA ILE B 180 -6.03 10.30 -13.47
C ILE B 180 -6.93 10.49 -12.24
N THR B 181 -6.43 11.19 -11.21
CA THR B 181 -7.20 11.52 -10.01
C THR B 181 -8.37 12.42 -10.41
N ASP B 182 -8.08 13.46 -11.24
CA ASP B 182 -9.07 14.40 -11.79
C ASP B 182 -10.15 13.64 -12.57
N THR B 183 -9.73 12.61 -13.34
CA THR B 183 -10.60 11.75 -14.16
C THR B 183 -11.50 10.92 -13.25
N LEU B 184 -10.93 10.33 -12.16
CA LEU B 184 -11.70 9.55 -11.18
C LEU B 184 -12.81 10.38 -10.53
N ILE B 185 -12.46 11.61 -10.07
CA ILE B 185 -13.40 12.55 -9.47
C ILE B 185 -14.52 12.94 -10.44
N HIS B 186 -14.15 13.22 -11.71
CA HIS B 186 -15.08 13.61 -12.75
C HIS B 186 -16.13 12.52 -12.97
N LEU B 187 -15.70 11.25 -13.00
CA LEU B 187 -16.60 10.11 -13.13
C LEU B 187 -17.57 10.06 -11.94
N MET B 188 -17.07 10.29 -10.71
CA MET B 188 -17.87 10.31 -9.49
C MET B 188 -18.88 11.46 -9.47
N ALA B 189 -18.50 12.63 -10.01
CA ALA B 189 -19.40 13.78 -10.08
C ALA B 189 -20.52 13.52 -11.12
N LYS B 190 -20.15 12.92 -12.27
CA LYS B 190 -21.13 12.59 -13.31
C LYS B 190 -22.11 11.50 -12.80
N ALA B 191 -21.61 10.52 -11.99
CA ALA B 191 -22.43 9.49 -11.35
C ALA B 191 -23.38 10.10 -10.26
N GLY B 192 -23.23 11.40 -9.98
CA GLY B 192 -24.06 12.13 -9.04
C GLY B 192 -23.67 12.07 -7.58
N LEU B 193 -22.39 11.82 -7.28
CA LEU B 193 -21.91 11.80 -5.90
C LEU B 193 -21.70 13.23 -5.44
N THR B 194 -22.02 13.53 -4.16
CA THR B 194 -21.78 14.85 -3.56
C THR B 194 -20.26 15.02 -3.43
N LEU B 195 -19.80 16.25 -3.18
CA LEU B 195 -18.37 16.52 -3.04
C LEU B 195 -17.72 15.68 -1.93
N GLN B 196 -18.42 15.51 -0.78
CA GLN B 196 -17.96 14.70 0.36
C GLN B 196 -17.88 13.23 -0.04
N GLN B 197 -18.91 12.72 -0.75
CA GLN B 197 -18.96 11.34 -1.26
C GLN B 197 -17.84 11.08 -2.25
N GLN B 198 -17.52 12.08 -3.08
CA GLN B 198 -16.43 12.02 -4.04
C GLN B 198 -15.09 11.77 -3.38
N HIS B 199 -14.74 12.56 -2.33
CA HIS B 199 -13.43 12.38 -1.72
C HIS B 199 -13.33 11.07 -0.94
N GLN B 200 -14.41 10.65 -0.28
CA GLN B 200 -14.51 9.40 0.48
C GLN B 200 -14.34 8.17 -0.42
N ARG B 201 -15.01 8.15 -1.61
CA ARG B 201 -14.91 7.05 -2.58
C ARG B 201 -13.48 6.97 -3.15
N LEU B 202 -12.90 8.13 -3.54
CA LEU B 202 -11.52 8.19 -4.05
C LEU B 202 -10.57 7.57 -3.02
N ALA B 203 -10.72 7.93 -1.72
CA ALA B 203 -9.89 7.38 -0.64
C ALA B 203 -10.07 5.85 -0.53
N GLN B 204 -11.32 5.35 -0.56
CA GLN B 204 -11.56 3.91 -0.42
C GLN B 204 -10.93 3.10 -1.55
N LEU B 205 -11.03 3.62 -2.78
CA LEU B 205 -10.43 2.97 -3.96
C LEU B 205 -8.90 2.90 -3.85
N LEU B 206 -8.24 4.05 -3.52
CA LEU B 206 -6.78 4.13 -3.36
C LEU B 206 -6.26 3.31 -2.21
N LEU B 207 -7.06 3.18 -1.12
CA LEU B 207 -6.65 2.34 0.00
C LEU B 207 -6.59 0.86 -0.40
N ILE B 208 -7.46 0.43 -1.32
CA ILE B 208 -7.45 -0.95 -1.85
C ILE B 208 -6.14 -1.22 -2.64
N LEU B 209 -5.57 -0.19 -3.28
CA LEU B 209 -4.30 -0.32 -4.00
C LEU B 209 -3.14 -0.76 -3.05
N SER B 210 -3.20 -0.38 -1.75
CA SER B 210 -2.27 -0.83 -0.70
C SER B 210 -2.37 -2.37 -0.50
N HIS B 211 -3.60 -2.93 -0.59
CA HIS B 211 -3.85 -4.37 -0.48
C HIS B 211 -3.34 -5.09 -1.76
N ILE B 212 -3.51 -4.45 -2.93
CA ILE B 212 -3.06 -5.00 -4.20
C ILE B 212 -1.50 -5.14 -4.18
N ARG B 213 -0.78 -4.15 -3.59
CA ARG B 213 0.68 -4.16 -3.46
C ARG B 213 1.10 -5.31 -2.58
N HIS B 214 0.40 -5.48 -1.45
CA HIS B 214 0.62 -6.54 -0.48
C HIS B 214 0.48 -7.96 -1.12
N MET B 215 -0.61 -8.23 -1.85
CA MET B 215 -0.87 -9.49 -2.56
C MET B 215 0.26 -9.76 -3.60
N SER B 216 0.65 -8.71 -4.36
CA SER B 216 1.75 -8.82 -5.30
C SER B 216 3.05 -9.26 -4.61
N ASN B 217 3.38 -8.69 -3.42
CA ASN B 217 4.60 -9.01 -2.67
C ASN B 217 4.56 -10.43 -2.14
N LYS B 218 3.37 -10.88 -1.67
CA LYS B 218 3.17 -12.25 -1.21
C LYS B 218 3.28 -13.25 -2.40
N GLY B 219 2.92 -12.77 -3.60
CA GLY B 219 2.98 -13.54 -4.85
C GLY B 219 4.40 -13.68 -5.36
N MET B 220 5.20 -12.57 -5.34
CA MET B 220 6.63 -12.55 -5.72
C MET B 220 7.39 -13.52 -4.78
N GLU B 221 7.06 -13.49 -3.46
CA GLU B 221 7.64 -14.39 -2.44
C GLU B 221 7.41 -15.83 -2.85
N HIS B 222 6.14 -16.17 -3.20
CA HIS B 222 5.80 -17.53 -3.64
C HIS B 222 6.58 -17.92 -4.90
N LEU B 223 6.70 -16.98 -5.88
CA LEU B 223 7.43 -17.23 -7.11
C LEU B 223 8.90 -17.53 -6.86
N TYR B 224 9.54 -16.74 -5.97
CA TYR B 224 10.95 -16.89 -5.60
C TYR B 224 11.18 -18.15 -4.75
N SER B 225 10.12 -18.69 -4.12
CA SER B 225 10.20 -19.94 -3.34
C SER B 225 10.16 -21.17 -4.26
N MET B 226 9.70 -21.01 -5.52
CA MET B 226 9.61 -22.09 -6.50
C MET B 226 11.00 -22.49 -6.98
N LYS B 229 14.80 -20.07 -11.40
CA LYS B 229 15.58 -18.91 -11.80
C LYS B 229 14.84 -17.93 -12.74
N ASN B 230 14.06 -18.45 -13.70
CA ASN B 230 13.31 -17.63 -14.66
C ASN B 230 11.78 -17.77 -14.46
N VAL B 231 11.30 -17.33 -13.29
CA VAL B 231 9.89 -17.36 -12.93
C VAL B 231 9.32 -15.93 -12.75
N VAL B 232 10.19 -14.92 -12.66
CA VAL B 232 9.79 -13.51 -12.64
C VAL B 232 10.25 -12.89 -13.99
N PRO B 233 9.38 -12.18 -14.76
CA PRO B 233 9.83 -11.59 -16.05
C PRO B 233 10.99 -10.63 -15.84
N SER B 234 12.11 -10.95 -16.50
CA SER B 234 13.36 -10.22 -16.42
C SER B 234 13.28 -8.87 -17.12
N TYR B 235 14.23 -7.99 -16.79
CA TYR B 235 14.39 -6.68 -17.40
C TYR B 235 14.48 -6.83 -18.96
N ASP B 236 15.32 -7.80 -19.42
CA ASP B 236 15.61 -8.12 -20.81
C ASP B 236 14.36 -8.49 -21.57
N LEU B 237 13.52 -9.39 -20.99
CA LEU B 237 12.28 -9.86 -21.60
C LEU B 237 11.31 -8.72 -21.80
N LEU B 238 11.20 -7.85 -20.77
CA LEU B 238 10.30 -6.69 -20.76
C LEU B 238 10.74 -5.64 -21.76
N LEU B 239 12.06 -5.38 -21.82
CA LEU B 239 12.67 -4.44 -22.77
C LEU B 239 12.44 -4.95 -24.17
N GLU B 240 12.76 -6.25 -24.44
CA GLU B 240 12.54 -6.88 -25.74
C GLU B 240 11.07 -6.72 -26.12
N MET B 241 10.15 -6.99 -25.18
CA MET B 241 8.72 -6.86 -25.47
C MET B 241 8.29 -5.43 -25.80
N LEU B 242 8.81 -4.44 -25.02
CA LEU B 242 8.51 -3.01 -25.21
C LEU B 242 9.13 -2.43 -26.48
N ASP B 243 10.32 -2.90 -26.85
CA ASP B 243 11.02 -2.42 -28.04
C ASP B 243 10.43 -3.02 -29.32
N ALA B 244 9.92 -4.29 -29.25
CA ALA B 244 9.29 -4.95 -30.39
C ALA B 244 7.89 -4.39 -30.68
C1 QNK C . 12.95 -0.49 10.10
C2 QNK C . 12.01 0.49 10.78
C3 QNK C . 12.31 0.64 12.25
C7 QNK C . 12.08 1.89 14.31
C8 QNK C . 11.01 2.89 12.63
C9 QNK C . 11.80 1.76 12.93
C10 QNK C . 13.65 -1.51 12.25
C11 QNK C . 13.90 -2.68 10.15
C12 QNK C . 13.02 -3.72 9.44
C13 QNK C . 12.39 -4.84 10.17
C14 QNK C . 13.52 -5.08 9.20
C15 QNK C . 13.45 -2.77 13.07
C16 QNK C . 14.52 -3.49 13.59
C19 QNK C . 12.00 -6.08 16.60
C20 QNK C . 11.64 -7.41 17.28
C21 QNK C . 9.15 -7.69 17.39
C22 QNK C . 8.66 -8.35 18.67
C24 QNK C . 10.50 -5.79 16.55
F1 QNK C . 9.06 -10.53 19.47
C23 QNK C . 9.69 -9.32 19.24
N4 QNK C . 10.32 -6.83 17.59
N3 QNK C . 12.72 -6.15 15.34
C18 QNK C . 12.98 -5.01 14.59
C17 QNK C . 14.29 -4.61 14.34
C25 QNK C . 11.96 -4.24 14.04
N5 QNK C . 12.18 -3.14 13.31
N2 QNK C . 13.08 -1.74 10.90
F QNK C . 12.28 -3.15 8.40
C QNK C . 14.29 0.12 9.77
C4 QNK C . 13.08 -0.30 12.94
C5 QNK C . 13.34 -0.12 14.30
C6 QNK C . 12.84 0.96 14.99
N1 QNK C . 10.82 3.66 13.69
N QNK C . 11.48 3.04 14.72
C1 QNK D . -1.94 -14.99 -9.16
C2 QNK D . -2.48 -14.02 -10.18
C3 QNK D . -2.50 -14.59 -11.58
C7 QNK D . -3.31 -14.57 -13.86
C8 QNK D . -4.20 -12.90 -12.66
C9 QNK D . -3.31 -14.00 -12.57
C10 QNK D . -0.84 -16.39 -10.87
C11 QNK D . -0.08 -16.41 -8.59
C12 QNK D . 1.02 -15.62 -7.87
C13 QNK D . 2.28 -15.22 -8.55
C14 QNK D . 2.28 -16.28 -7.48
C15 QNK D . 0.53 -16.69 -11.46
C16 QNK D . 1.03 -17.97 -11.48
C19 QNK D . 5.08 -16.33 -13.71
C20 QNK D . 4.57 -15.62 -14.96
C21 QNK D . 6.70 -14.85 -16.02
C22 QNK D . 8.17 -15.24 -16.05
C24 QNK D . 6.28 -16.79 -14.55
F1 QNK D . 8.40 -13.85 -17.95
C23 QNK D . 8.79 -15.08 -17.44
N4 QNK D . 5.82 -15.97 -15.69
N3 QNK D . 4.24 -17.37 -13.13
C18 QNK D . 3.00 -17.14 -12.57
C17 QNK D . 2.28 -18.20 -12.03
C25 QNK D . 2.40 -15.88 -12.52
N5 QNK D . 1.20 -15.65 -11.98
N2 QNK D . -0.67 -15.59 -9.64
F QNK D . 0.50 -14.73 -6.95
C QNK D . -2.96 -16.05 -8.78
C4 QNK D . -1.72 -15.72 -11.90
C5 QNK D . -1.76 -16.24 -13.19
C6 QNK D . -2.55 -15.67 -14.18
N1 QNK D . -4.71 -12.79 -13.87
N QNK D . -4.16 -13.81 -14.61
#